data_7ZCB
#
_entry.id   7ZCB
#
_cell.length_a   70.902
_cell.length_b   62.077
_cell.length_c   106.863
_cell.angle_alpha   90.000
_cell.angle_beta   104.280
_cell.angle_gamma   90.000
#
_symmetry.space_group_name_H-M   'C 1 2 1'
#
loop_
_entity.id
_entity.type
_entity.pdbx_description
1 polymer Pikachurin
2 branched beta-D-mannopyranose-(1-4)-2-acetamido-2-deoxy-beta-D-glucopyranose-(1-4)-2-acetamido-2-deoxy-beta-D-glucopyranose
3 non-polymer 'CHLORIDE ION'
4 water water
#
_entity_poly.entity_id   1
_entity_poly.type   'polypeptide(L)'
_entity_poly.pdbx_seq_one_letter_code
;GSHHHHHHGSLRAAIRKPGKVGPPLDIKLGALNCTAFSIQWKMPRHPGSPILGYTVFYSEVGADKSLQEQLHSVPLSRDI
PTTEEVIGDLKPGTEYRVSIAAYSQAGKGRLSSPRHVTTLSQDSCLPPAAPQQPHVIVVSDSEVALSWKPGASEGSAPIQ
YYSVEFIRPDFDKKWTSIHERIQMDSMVIKGLDPDTNYQFAVRAMNSHGPSPRSWPSDIIRTLAAA
;
_entity_poly.pdbx_strand_id   B,C
#
loop_
_chem_comp.id
_chem_comp.type
_chem_comp.name
_chem_comp.formula
BMA D-saccharide, beta linking beta-D-mannopyranose 'C6 H12 O6'
CL non-polymer 'CHLORIDE ION' 'Cl -1'
NAG D-saccharide, beta linking 2-acetamido-2-deoxy-beta-D-glucopyranose 'C8 H15 N O6'
#
# COMPACT_ATOMS: atom_id res chain seq x y z
N LYS A 20 30.16 39.18 50.51
CA LYS A 20 29.34 40.19 51.19
C LYS A 20 28.00 40.36 50.51
N VAL A 21 28.00 40.38 49.17
CA VAL A 21 26.77 40.62 48.42
C VAL A 21 25.75 39.52 48.71
N GLY A 22 24.48 39.90 48.62
CA GLY A 22 23.37 38.99 48.83
C GLY A 22 23.26 37.92 47.78
N PRO A 23 22.46 36.89 48.08
CA PRO A 23 22.27 35.80 47.12
C PRO A 23 21.51 36.29 45.90
N PRO A 24 21.61 35.59 44.77
CA PRO A 24 20.81 35.95 43.60
C PRO A 24 19.32 35.85 43.92
N LEU A 25 18.54 36.67 43.23
CA LEU A 25 17.10 36.76 43.49
C LEU A 25 16.31 36.20 42.31
N ASP A 26 15.03 35.92 42.58
CA ASP A 26 14.07 35.49 41.55
C ASP A 26 14.59 34.30 40.75
N ILE A 27 15.01 33.25 41.48
CA ILE A 27 15.49 32.04 40.83
C ILE A 27 14.31 31.25 40.27
N LYS A 28 14.47 30.74 39.05
CA LYS A 28 13.42 29.98 38.36
C LYS A 28 14.06 28.77 37.70
N LEU A 29 13.56 27.57 38.02
CA LEU A 29 14.05 26.35 37.39
C LEU A 29 12.90 25.50 36.87
N GLY A 30 13.15 24.82 35.75
CA GLY A 30 12.19 23.88 35.21
C GLY A 30 12.87 22.71 34.51
N ALA A 31 12.35 21.50 34.73
CA ALA A 31 12.88 20.33 34.05
C ALA A 31 12.58 20.43 32.56
N LEU A 32 13.62 20.35 31.73
CA LEU A 32 13.45 20.39 30.29
C LEU A 32 13.05 19.03 29.72
N ASN A 33 13.70 17.96 30.16
CA ASN A 33 13.43 16.62 29.67
C ASN A 33 13.97 15.62 30.71
N CYS A 34 14.18 14.38 30.28
CA CYS A 34 14.65 13.34 31.19
C CYS A 34 16.06 13.60 31.71
N THR A 35 16.90 14.32 30.96
CA THR A 35 18.31 14.47 31.34
C THR A 35 18.73 15.91 31.64
N ALA A 36 17.81 16.88 31.67
CA ALA A 36 18.24 18.26 31.77
C ALA A 36 17.19 19.13 32.43
N PHE A 37 17.66 20.24 33.00
CA PHE A 37 16.82 21.32 33.49
C PHE A 37 17.52 22.64 33.23
N SER A 38 16.74 23.72 33.19
CA SER A 38 17.27 25.05 32.99
C SER A 38 17.05 25.89 34.25
N ILE A 39 17.97 26.82 34.49
CA ILE A 39 17.98 27.66 35.69
C ILE A 39 18.09 29.12 35.25
N GLN A 40 17.33 29.99 35.91
CA GLN A 40 17.29 31.41 35.59
C GLN A 40 17.23 32.22 36.88
N TRP A 41 17.96 33.34 36.94
CA TRP A 41 17.94 34.17 38.15
C TRP A 41 18.23 35.62 37.83
N LYS A 42 17.98 36.46 38.85
CA LYS A 42 18.20 37.90 38.81
C LYS A 42 19.42 38.29 39.62
N MET A 43 20.03 39.39 39.22
CA MET A 43 21.16 39.98 39.93
C MET A 43 20.81 40.23 41.39
N PRO A 44 21.74 39.95 42.32
CA PRO A 44 21.51 40.29 43.73
C PRO A 44 21.23 41.78 43.94
N ARG A 45 20.43 42.07 44.95
CA ARG A 45 20.03 43.45 45.21
C ARG A 45 21.15 44.20 45.93
N HIS A 46 21.29 45.48 45.58
CA HIS A 46 22.26 46.39 46.18
C HIS A 46 23.67 45.81 46.24
N PRO A 47 24.21 45.31 45.13
CA PRO A 47 25.57 44.77 45.16
C PRO A 47 26.60 45.85 45.49
N GLY A 48 27.58 45.47 46.31
CA GLY A 48 28.65 46.40 46.66
C GLY A 48 29.64 46.62 45.53
N SER A 49 29.89 45.58 44.74
CA SER A 49 30.83 45.64 43.63
C SER A 49 30.17 44.96 42.43
N PRO A 50 30.66 45.22 41.22
CA PRO A 50 30.05 44.59 40.04
C PRO A 50 30.11 43.07 40.11
N ILE A 51 29.01 42.44 39.73
CA ILE A 51 28.97 40.99 39.71
C ILE A 51 29.79 40.49 38.52
N LEU A 52 30.73 39.60 38.80
CA LEU A 52 31.59 39.04 37.76
C LEU A 52 31.07 37.73 37.18
N GLY A 53 30.16 37.07 37.86
CA GLY A 53 29.64 35.79 37.41
C GLY A 53 28.90 35.11 38.53
N TYR A 54 28.47 33.88 38.25
CA TYR A 54 27.69 33.11 39.20
C TYR A 54 28.25 31.69 39.26
N THR A 55 27.94 31.01 40.38
CA THR A 55 28.31 29.62 40.55
C THR A 55 27.07 28.83 40.92
N VAL A 56 26.78 27.78 40.17
CA VAL A 56 25.60 26.95 40.35
C VAL A 56 26.03 25.61 40.94
N PHE A 57 25.41 25.22 42.05
CA PHE A 57 25.71 23.99 42.75
C PHE A 57 24.51 23.07 42.71
N TYR A 58 24.71 21.81 42.35
CA TYR A 58 23.60 20.86 42.33
C TYR A 58 24.08 19.46 42.72
N SER A 59 23.20 18.74 43.42
CA SER A 59 23.47 17.37 43.84
C SER A 59 22.16 16.61 43.86
N GLU A 60 22.28 15.28 43.78
CA GLU A 60 21.10 14.43 43.78
C GLU A 60 20.44 14.42 45.15
N VAL A 61 19.12 14.20 45.14
CA VAL A 61 18.34 14.13 46.37
C VAL A 61 17.53 12.84 46.40
N LEU A 71 19.05 16.56 54.13
CA LEU A 71 20.28 15.79 54.04
C LEU A 71 21.04 16.07 52.75
N HIS A 72 21.98 16.99 52.84
CA HIS A 72 22.81 17.45 51.74
C HIS A 72 23.95 16.46 51.47
N SER A 73 24.43 16.47 50.24
CA SER A 73 25.56 15.67 49.79
C SER A 73 26.52 16.59 49.05
N VAL A 74 27.73 16.10 48.79
CA VAL A 74 28.70 16.93 48.10
C VAL A 74 28.19 17.19 46.68
N PRO A 75 28.18 18.45 46.22
CA PRO A 75 27.53 18.74 44.94
C PRO A 75 28.47 19.05 43.79
N LEU A 76 27.96 18.94 42.56
CA LEU A 76 28.67 19.39 41.38
C LEU A 76 28.49 20.90 41.25
N SER A 77 29.41 21.55 40.57
CA SER A 77 29.36 23.01 40.48
C SER A 77 29.74 23.48 39.08
N ARG A 78 29.03 24.51 38.61
CA ARG A 78 29.23 25.10 37.29
C ARG A 78 29.31 26.62 37.42
N ASP A 79 30.30 27.23 36.77
CA ASP A 79 30.54 28.66 36.81
C ASP A 79 30.21 29.27 35.46
N ILE A 80 29.42 30.35 35.46
CA ILE A 80 28.89 30.92 34.22
C ILE A 80 28.84 32.43 34.33
N PRO A 81 28.94 33.12 33.18
CA PRO A 81 28.88 34.59 33.19
C PRO A 81 27.48 35.17 33.13
N THR A 82 26.48 34.40 32.71
CA THR A 82 25.15 34.94 32.46
C THR A 82 24.21 34.64 33.63
N THR A 83 22.99 35.18 33.52
CA THR A 83 21.94 35.04 34.51
C THR A 83 21.07 33.79 34.31
N GLU A 84 21.43 32.91 33.38
CA GLU A 84 20.63 31.70 33.14
C GLU A 84 21.52 30.62 32.55
N GLU A 85 21.06 29.36 32.70
CA GLU A 85 21.88 28.21 32.36
C GLU A 85 21.00 26.99 32.16
N VAL A 86 21.51 26.02 31.38
CA VAL A 86 20.91 24.71 31.20
C VAL A 86 21.88 23.68 31.77
N ILE A 87 21.38 22.80 32.64
CA ILE A 87 22.19 21.77 33.30
C ILE A 87 21.79 20.44 32.70
N GLY A 88 22.68 19.83 31.93
CA GLY A 88 22.38 18.66 31.15
C GLY A 88 23.03 17.39 31.68
N ASP A 89 22.77 16.31 30.94
CA ASP A 89 23.35 14.99 31.21
C ASP A 89 23.03 14.50 32.62
N LEU A 90 21.76 14.65 33.00
CA LEU A 90 21.25 14.21 34.29
C LEU A 90 20.52 12.88 34.17
N LYS A 91 20.26 12.25 35.32
CA LYS A 91 19.53 11.00 35.33
C LYS A 91 18.02 11.22 35.24
N PRO A 92 17.28 10.29 34.63
CA PRO A 92 15.83 10.47 34.48
C PRO A 92 15.08 10.25 35.78
N GLY A 93 14.00 11.02 35.95
CA GLY A 93 13.12 10.89 37.10
C GLY A 93 13.84 11.05 38.43
N THR A 94 14.75 12.01 38.52
CA THR A 94 15.59 12.19 39.71
C THR A 94 15.51 13.63 40.19
N GLU A 95 15.47 13.80 41.51
CA GLU A 95 15.38 15.10 42.15
C GLU A 95 16.76 15.67 42.43
N TYR A 96 16.93 16.96 42.15
CA TYR A 96 18.20 17.66 42.35
C TYR A 96 18.00 18.87 43.24
N ARG A 97 19.01 19.14 44.07
CA ARG A 97 19.05 20.30 44.94
C ARG A 97 19.96 21.33 44.28
N VAL A 98 19.46 22.54 44.08
CA VAL A 98 20.19 23.57 43.34
C VAL A 98 20.35 24.81 44.20
N SER A 99 21.54 25.40 44.19
CA SER A 99 21.81 26.66 44.85
C SER A 99 22.68 27.51 43.93
N ILE A 100 22.61 28.82 44.13
CA ILE A 100 23.40 29.76 43.34
C ILE A 100 24.09 30.73 44.28
N ALA A 101 25.33 31.09 43.94
CA ALA A 101 26.07 32.15 44.60
C ALA A 101 26.72 33.01 43.53
N ALA A 102 26.77 34.31 43.78
CA ALA A 102 27.41 35.26 42.89
C ALA A 102 28.83 35.52 43.37
N TYR A 103 29.77 35.65 42.44
CA TYR A 103 31.11 36.07 42.81
C TYR A 103 31.39 37.44 42.22
N SER A 104 32.04 38.29 43.03
CA SER A 104 32.37 39.66 42.65
C SER A 104 33.83 39.93 42.99
N GLN A 105 34.29 41.17 42.82
CA GLN A 105 35.68 41.48 43.12
C GLN A 105 36.01 41.29 44.60
N ALA A 106 35.01 41.37 45.47
CA ALA A 106 35.17 41.10 46.90
C ALA A 106 34.78 39.67 47.27
N GLY A 107 35.19 38.69 46.47
CA GLY A 107 35.00 37.30 46.86
C GLY A 107 33.67 36.71 46.46
N LYS A 108 33.41 35.53 47.03
CA LYS A 108 32.20 34.79 46.74
C LYS A 108 31.05 35.36 47.58
N GLY A 109 29.91 35.62 46.95
CA GLY A 109 28.74 36.13 47.65
C GLY A 109 27.99 35.05 48.41
N ARG A 110 26.95 35.48 49.12
CA ARG A 110 26.14 34.56 49.89
C ARG A 110 25.37 33.60 48.98
N LEU A 111 25.16 32.40 49.49
CA LEU A 111 24.58 31.31 48.73
C LEU A 111 23.06 31.28 48.89
N SER A 112 22.37 31.21 47.77
CA SER A 112 20.91 31.22 47.80
C SER A 112 20.36 29.99 48.51
N SER A 113 19.12 30.12 48.95
CA SER A 113 18.41 29.01 49.56
C SER A 113 18.24 27.88 48.54
N PRO A 114 18.38 26.62 48.95
CA PRO A 114 18.34 25.52 47.98
C PRO A 114 16.98 25.40 47.31
N ARG A 115 17.01 25.12 46.01
CA ARG A 115 15.80 24.85 45.23
C ARG A 115 15.87 23.42 44.72
N HIS A 116 14.71 22.77 44.63
CA HIS A 116 14.64 21.39 44.18
C HIS A 116 13.92 21.30 42.84
N VAL A 117 14.35 20.33 42.03
CA VAL A 117 13.79 20.12 40.70
C VAL A 117 13.98 18.65 40.34
N THR A 118 13.00 18.08 39.65
CA THR A 118 13.00 16.68 39.27
C THR A 118 13.00 16.56 37.76
N THR A 119 13.96 15.82 37.20
CA THR A 119 13.94 15.53 35.78
C THR A 119 12.73 14.68 35.42
N LEU A 120 12.30 14.78 34.16
CA LEU A 120 11.11 14.07 33.72
C LEU A 120 11.25 12.57 33.87
N SER A 121 10.12 11.93 34.16
CA SER A 121 10.05 10.48 34.18
C SER A 121 10.31 9.93 32.78
N GLN A 122 10.87 8.73 32.71
CA GLN A 122 11.23 8.17 31.41
C GLN A 122 10.02 7.95 30.52
N ASP A 123 8.89 7.50 31.09
CA ASP A 123 7.67 7.35 30.31
C ASP A 123 7.22 8.66 29.68
N SER A 124 7.71 9.78 30.18
CA SER A 124 7.30 11.11 29.73
C SER A 124 8.21 11.72 28.68
N CYS A 125 9.39 11.14 28.42
CA CYS A 125 10.27 11.63 27.37
C CYS A 125 10.40 10.62 26.24
N LEU A 126 9.37 9.80 26.05
CA LEU A 126 9.44 8.71 25.07
C LEU A 126 9.45 9.24 23.63
N PRO A 127 10.33 8.72 22.78
CA PRO A 127 10.21 8.99 21.34
C PRO A 127 9.08 8.15 20.73
N PRO A 128 8.62 8.48 19.52
CA PRO A 128 7.47 7.75 18.96
C PRO A 128 7.76 6.27 18.75
N ALA A 129 6.68 5.50 18.66
CA ALA A 129 6.79 4.11 18.25
C ALA A 129 7.28 4.03 16.81
N ALA A 130 7.90 2.92 16.47
CA ALA A 130 8.37 2.72 15.10
C ALA A 130 7.18 2.81 14.14
N PRO A 131 7.29 3.55 13.03
CA PRO A 131 6.24 3.51 12.02
C PRO A 131 6.03 2.11 11.46
N GLN A 132 4.85 1.88 10.89
CA GLN A 132 4.52 0.59 10.30
C GLN A 132 5.44 0.25 9.13
N GLN A 133 5.62 -1.04 8.89
CA GLN A 133 6.42 -1.51 7.77
C GLN A 133 5.97 -0.82 6.48
N PRO A 134 6.87 -0.22 5.73
CA PRO A 134 6.47 0.56 4.55
C PRO A 134 6.12 -0.32 3.35
N HIS A 135 5.20 0.20 2.53
CA HIS A 135 4.86 -0.42 1.25
CA HIS A 135 4.88 -0.45 1.26
C HIS A 135 5.79 0.11 0.17
N VAL A 136 6.22 -0.79 -0.72
CA VAL A 136 7.21 -0.44 -1.73
C VAL A 136 6.70 -0.91 -3.09
N ILE A 137 6.82 -0.04 -4.10
CA ILE A 137 6.39 -0.34 -5.47
C ILE A 137 7.47 0.17 -6.43
N VAL A 138 7.97 -0.72 -7.28
CA VAL A 138 9.02 -0.34 -8.22
C VAL A 138 8.45 0.62 -9.25
N VAL A 139 9.25 1.63 -9.63
CA VAL A 139 8.82 2.64 -10.58
C VAL A 139 9.64 2.61 -11.88
N SER A 140 10.94 2.33 -11.79
CA SER A 140 11.80 2.37 -12.96
C SER A 140 13.11 1.65 -12.63
N ASP A 141 14.08 1.73 -13.54
CA ASP A 141 15.40 1.16 -13.26
C ASP A 141 16.09 1.89 -12.10
N SER A 142 15.77 3.18 -11.91
CA SER A 142 16.43 3.98 -10.89
C SER A 142 15.48 4.56 -9.84
N GLU A 143 14.21 4.14 -9.82
CA GLU A 143 13.24 4.79 -8.95
C GLU A 143 12.34 3.75 -8.29
N VAL A 144 11.83 4.11 -7.13
CA VAL A 144 10.96 3.27 -6.31
C VAL A 144 9.97 4.17 -5.58
N ALA A 145 8.73 3.71 -5.47
CA ALA A 145 7.72 4.40 -4.68
C ALA A 145 7.63 3.74 -3.31
N LEU A 146 7.33 4.56 -2.30
CA LEU A 146 7.38 4.09 -0.93
C LEU A 146 6.39 4.88 -0.08
N SER A 147 5.73 4.18 0.85
CA SER A 147 4.68 4.77 1.68
C SER A 147 4.65 4.05 3.02
N TRP A 148 4.22 4.76 4.07
CA TRP A 148 4.22 4.18 5.40
C TRP A 148 3.14 4.85 6.24
N LYS A 149 2.80 4.20 7.35
CA LYS A 149 1.90 4.75 8.36
C LYS A 149 2.61 4.90 9.69
N PRO A 150 2.16 5.81 10.55
CA PRO A 150 2.76 5.92 11.88
C PRO A 150 2.43 4.69 12.71
N GLY A 151 3.10 4.59 13.86
CA GLY A 151 2.93 3.50 14.78
C GLY A 151 1.77 3.71 15.74
N ALA A 152 1.64 2.77 16.68
CA ALA A 152 0.53 2.83 17.62
C ALA A 152 0.59 4.05 18.53
N SER A 153 1.76 4.63 18.74
CA SER A 153 1.93 5.78 19.61
C SER A 153 2.87 6.79 18.99
N GLU A 154 2.58 8.07 19.22
CA GLU A 154 3.50 9.15 18.88
C GLU A 154 4.55 9.39 19.95
N GLY A 155 4.53 8.63 21.05
CA GLY A 155 5.41 8.94 22.17
C GLY A 155 4.82 10.01 23.07
N SER A 156 5.70 10.83 23.63
CA SER A 156 5.30 11.89 24.55
C SER A 156 5.14 13.25 23.90
N ALA A 157 5.38 13.35 22.60
CA ALA A 157 5.31 14.60 21.86
C ALA A 157 4.97 14.26 20.42
N PRO A 158 4.23 15.11 19.73
CA PRO A 158 3.74 14.73 18.39
C PRO A 158 4.88 14.59 17.39
N ILE A 159 4.68 13.68 16.43
CA ILE A 159 5.69 13.43 15.41
C ILE A 159 5.93 14.72 14.64
N GLN A 160 7.20 15.03 14.39
CA GLN A 160 7.57 16.23 13.66
C GLN A 160 7.96 15.94 12.21
N TYR A 161 8.59 14.79 11.96
CA TYR A 161 8.96 14.41 10.60
C TYR A 161 9.31 12.93 10.60
N TYR A 162 9.50 12.40 9.40
CA TYR A 162 9.92 11.03 9.19
C TYR A 162 11.30 10.99 8.57
N SER A 163 12.02 9.89 8.78
CA SER A 163 13.27 9.64 8.10
C SER A 163 13.22 8.28 7.43
N VAL A 164 14.00 8.12 6.37
CA VAL A 164 13.97 6.94 5.52
C VAL A 164 15.39 6.42 5.31
N GLU A 165 15.57 5.11 5.49
CA GLU A 165 16.83 4.43 5.20
C GLU A 165 16.60 3.34 4.16
N PHE A 166 17.67 2.99 3.44
CA PHE A 166 17.61 1.92 2.46
C PHE A 166 18.85 1.05 2.57
N ILE A 167 18.76 -0.15 1.98
CA ILE A 167 19.87 -1.10 2.03
C ILE A 167 19.72 -2.06 0.86
N ARG A 168 20.86 -2.44 0.28
CA ARG A 168 20.89 -3.48 -0.73
C ARG A 168 21.25 -4.80 -0.05
N PRO A 169 20.30 -5.74 0.08
CA PRO A 169 20.59 -6.96 0.86
C PRO A 169 21.70 -7.81 0.29
N ASP A 170 21.97 -7.72 -1.01
CA ASP A 170 23.01 -8.56 -1.60
C ASP A 170 24.41 -8.12 -1.19
N PHE A 171 24.65 -6.81 -1.07
CA PHE A 171 25.99 -6.36 -0.77
C PHE A 171 26.15 -5.56 0.51
N ASP A 172 25.16 -4.77 0.92
CA ASP A 172 25.34 -3.84 2.03
C ASP A 172 25.14 -4.52 3.38
N LYS A 173 26.05 -4.25 4.31
CA LYS A 173 25.87 -4.68 5.69
C LYS A 173 25.19 -3.64 6.58
N LYS A 174 24.98 -2.42 6.09
CA LYS A 174 24.41 -1.36 6.91
C LYS A 174 23.38 -0.56 6.12
N TRP A 175 22.50 0.09 6.86
CA TRP A 175 21.51 0.97 6.28
C TRP A 175 22.16 2.28 5.87
N THR A 176 21.58 2.91 4.86
CA THR A 176 22.01 4.22 4.37
C THR A 176 20.89 5.21 4.62
N SER A 177 21.23 6.37 5.16
CA SER A 177 20.24 7.39 5.44
C SER A 177 19.99 8.27 4.23
N ILE A 178 18.76 8.72 4.09
CA ILE A 178 18.40 9.73 3.11
C ILE A 178 18.29 11.05 3.89
N HIS A 179 19.19 11.98 3.59
CA HIS A 179 19.37 13.14 4.46
C HIS A 179 18.32 14.22 4.18
N GLU A 180 17.06 13.81 4.16
CA GLU A 180 15.93 14.72 4.10
C GLU A 180 14.90 14.33 5.14
N ARG A 181 14.11 15.31 5.52
CA ARG A 181 13.01 15.13 6.48
C ARG A 181 11.72 15.21 5.70
N ILE A 182 10.80 14.30 5.98
CA ILE A 182 9.55 14.20 5.24
C ILE A 182 8.41 14.40 6.22
N GLN A 183 7.49 15.30 5.86
CA GLN A 183 6.22 15.45 6.58
C GLN A 183 5.10 14.66 5.92
N MET A 184 5.35 14.15 4.72
CA MET A 184 4.46 13.26 4.03
C MET A 184 4.65 11.84 4.53
N ASP A 185 3.64 11.00 4.33
CA ASP A 185 3.75 9.58 4.65
C ASP A 185 4.11 8.74 3.42
N SER A 186 4.57 9.38 2.35
CA SER A 186 5.02 8.67 1.15
C SER A 186 5.99 9.55 0.39
N MET A 187 6.76 8.91 -0.48
CA MET A 187 7.83 9.57 -1.23
C MET A 187 8.27 8.63 -2.34
N VAL A 188 8.99 9.19 -3.31
CA VAL A 188 9.64 8.42 -4.36
C VAL A 188 11.14 8.57 -4.23
N ILE A 189 11.84 7.45 -4.17
CA ILE A 189 13.29 7.45 -3.99
C ILE A 189 13.92 7.23 -5.35
N LYS A 190 14.86 8.09 -5.71
CA LYS A 190 15.50 8.07 -7.02
C LYS A 190 16.98 7.69 -6.86
N GLY A 191 17.67 7.58 -7.99
CA GLY A 191 19.10 7.36 -7.98
C GLY A 191 19.57 6.00 -7.53
N LEU A 192 18.69 5.00 -7.44
CA LEU A 192 19.12 3.68 -7.04
C LEU A 192 19.87 3.00 -8.20
N ASP A 193 20.52 1.88 -7.88
CA ASP A 193 21.22 1.12 -8.90
C ASP A 193 20.23 0.23 -9.66
N PRO A 194 20.37 0.10 -10.99
CA PRO A 194 19.46 -0.76 -11.75
C PRO A 194 19.68 -2.23 -11.45
N ASP A 195 18.60 -3.01 -11.55
CA ASP A 195 18.65 -4.47 -11.41
C ASP A 195 19.21 -4.89 -10.05
N THR A 196 18.84 -4.17 -8.99
CA THR A 196 19.36 -4.43 -7.66
C THR A 196 18.23 -4.65 -6.67
N ASN A 197 18.42 -5.61 -5.76
CA ASN A 197 17.46 -5.80 -4.66
C ASN A 197 17.65 -4.70 -3.62
N TYR A 198 16.52 -4.21 -3.09
CA TYR A 198 16.52 -3.14 -2.10
C TYR A 198 15.51 -3.46 -1.01
N GLN A 199 15.75 -2.87 0.16
CA GLN A 199 14.79 -2.84 1.24
C GLN A 199 14.84 -1.45 1.86
N PHE A 200 13.74 -1.06 2.50
CA PHE A 200 13.60 0.30 2.99
C PHE A 200 12.98 0.27 4.37
N ALA A 201 13.31 1.28 5.18
CA ALA A 201 12.78 1.35 6.54
C ALA A 201 12.57 2.82 6.91
N VAL A 202 11.69 3.05 7.86
CA VAL A 202 11.25 4.40 8.21
C VAL A 202 11.37 4.58 9.71
N ARG A 203 11.71 5.80 10.13
CA ARG A 203 11.70 6.21 11.52
C ARG A 203 10.96 7.54 11.64
N ALA A 204 10.29 7.72 12.78
CA ALA A 204 9.56 8.92 13.11
C ALA A 204 10.24 9.64 14.25
N MET A 205 10.28 10.97 14.17
CA MET A 205 10.96 11.80 15.14
C MET A 205 9.98 12.75 15.81
N ASN A 206 10.16 12.95 17.11
CA ASN A 206 9.54 14.05 17.84
C ASN A 206 10.64 14.84 18.56
N SER A 207 10.25 15.80 19.41
CA SER A 207 11.26 16.56 20.14
C SER A 207 12.09 15.68 21.08
N HIS A 208 11.68 14.45 21.37
CA HIS A 208 12.42 13.56 22.24
C HIS A 208 13.34 12.58 21.50
N GLY A 209 13.36 12.59 20.17
CA GLY A 209 14.32 11.80 19.44
C GLY A 209 13.74 10.74 18.54
N PRO A 210 14.60 9.93 17.92
CA PRO A 210 14.15 8.99 16.90
C PRO A 210 13.49 7.73 17.44
N SER A 211 12.50 7.25 16.70
CA SER A 211 11.89 5.96 16.95
C SER A 211 12.85 4.84 16.55
N PRO A 212 12.57 3.60 16.97
CA PRO A 212 13.21 2.46 16.32
C PRO A 212 12.83 2.42 14.85
N ARG A 213 13.62 1.69 14.07
CA ARG A 213 13.27 1.50 12.67
C ARG A 213 11.99 0.71 12.53
N SER A 214 11.19 1.08 11.53
CA SER A 214 10.11 0.21 11.06
C SER A 214 10.67 -1.13 10.63
N TRP A 215 9.80 -2.13 10.57
CA TRP A 215 10.18 -3.37 9.89
C TRP A 215 10.72 -3.02 8.50
N PRO A 216 11.71 -3.75 8.00
CA PRO A 216 12.18 -3.51 6.64
C PRO A 216 11.08 -3.83 5.63
N SER A 217 11.02 -3.06 4.55
CA SER A 217 10.11 -3.41 3.47
C SER A 217 10.51 -4.74 2.86
N ASP A 218 9.59 -5.35 2.12
CA ASP A 218 9.92 -6.58 1.41
C ASP A 218 10.92 -6.29 0.31
N ILE A 219 11.75 -7.30 0.00
CA ILE A 219 12.76 -7.13 -1.03
C ILE A 219 12.08 -6.81 -2.35
N ILE A 220 12.66 -5.85 -3.08
CA ILE A 220 12.15 -5.41 -4.36
C ILE A 220 13.35 -5.09 -5.24
N ARG A 221 13.24 -5.42 -6.52
CA ARG A 221 14.35 -5.22 -7.45
C ARG A 221 14.00 -4.12 -8.44
N THR A 222 14.96 -3.23 -8.67
CA THR A 222 14.79 -2.21 -9.69
C THR A 222 14.87 -2.86 -11.07
N LEU A 223 14.22 -2.23 -12.04
CA LEU A 223 14.28 -2.73 -13.41
C LEU A 223 15.70 -2.62 -13.94
N ALA A 224 16.06 -3.53 -14.83
CA ALA A 224 17.39 -3.46 -15.43
C ALA A 224 17.45 -2.32 -16.43
N ALA A 225 18.65 -1.75 -16.59
CA ALA A 225 18.87 -0.66 -17.52
C ALA A 225 18.89 -1.19 -18.95
N LYS B 20 -35.88 -35.07 -48.81
CA LYS B 20 -35.47 -36.36 -49.35
C LYS B 20 -34.23 -36.98 -48.69
N VAL B 21 -33.18 -36.17 -48.55
CA VAL B 21 -31.92 -36.71 -48.04
C VAL B 21 -32.14 -37.23 -46.63
N GLY B 22 -31.40 -38.28 -46.29
CA GLY B 22 -31.46 -38.82 -44.96
C GLY B 22 -30.89 -37.83 -43.98
N PRO B 23 -31.22 -37.99 -42.71
CA PRO B 23 -30.68 -37.08 -41.70
C PRO B 23 -29.20 -37.32 -41.53
N PRO B 24 -28.46 -36.35 -40.99
CA PRO B 24 -27.05 -36.59 -40.71
C PRO B 24 -26.89 -37.74 -39.74
N LEU B 25 -25.82 -38.50 -39.93
CA LEU B 25 -25.58 -39.72 -39.16
C LEU B 25 -24.36 -39.56 -38.26
N ASP B 26 -24.26 -40.46 -37.28
CA ASP B 26 -23.16 -40.50 -36.31
C ASP B 26 -23.01 -39.14 -35.62
N ILE B 27 -24.14 -38.64 -35.15
CA ILE B 27 -24.18 -37.36 -34.44
C ILE B 27 -23.71 -37.56 -33.00
N LYS B 28 -22.89 -36.61 -32.54
CA LYS B 28 -22.38 -36.59 -31.17
C LYS B 28 -22.46 -35.17 -30.66
N LEU B 29 -22.98 -35.02 -29.45
CA LEU B 29 -23.04 -33.74 -28.76
C LEU B 29 -22.20 -33.82 -27.50
N GLY B 30 -21.50 -32.74 -27.20
CA GLY B 30 -20.77 -32.66 -25.95
C GLY B 30 -20.74 -31.27 -25.37
N ALA B 31 -21.00 -31.18 -24.07
CA ALA B 31 -20.91 -29.89 -23.39
C ALA B 31 -19.44 -29.49 -23.28
N LEU B 32 -19.10 -28.33 -23.82
CA LEU B 32 -17.75 -27.81 -23.66
C LEU B 32 -17.59 -27.12 -22.31
N ASN B 33 -18.57 -26.31 -21.92
CA ASN B 33 -18.45 -25.57 -20.67
C ASN B 33 -19.86 -25.20 -20.21
N CYS B 34 -19.94 -24.25 -19.29
CA CYS B 34 -21.24 -23.90 -18.73
C CYS B 34 -22.14 -23.20 -19.75
N THR B 35 -21.58 -22.56 -20.78
CA THR B 35 -22.37 -21.77 -21.70
C THR B 35 -22.40 -22.32 -23.13
N ALA B 36 -21.81 -23.50 -23.38
CA ALA B 36 -21.70 -23.94 -24.76
C ALA B 36 -21.65 -25.46 -24.85
N PHE B 37 -22.00 -25.95 -26.05
CA PHE B 37 -21.81 -27.35 -26.41
C PHE B 37 -21.46 -27.40 -27.89
N SER B 38 -20.82 -28.48 -28.29
CA SER B 38 -20.39 -28.68 -29.67
C SER B 38 -21.18 -29.80 -30.31
N ILE B 39 -21.32 -29.72 -31.63
CA ILE B 39 -22.08 -30.69 -32.42
C ILE B 39 -21.18 -31.24 -33.52
N GLN B 40 -21.28 -32.55 -33.73
CA GLN B 40 -20.51 -33.25 -34.75
C GLN B 40 -21.42 -34.25 -35.42
N TRP B 41 -21.24 -34.41 -36.73
CA TRP B 41 -21.99 -35.39 -37.49
C TRP B 41 -21.15 -35.84 -38.68
N LYS B 42 -21.62 -36.90 -39.33
CA LYS B 42 -20.97 -37.42 -40.52
C LYS B 42 -21.76 -36.97 -41.73
N MET B 43 -21.05 -36.72 -42.83
CA MET B 43 -21.72 -36.39 -44.09
C MET B 43 -22.69 -37.52 -44.42
N PRO B 44 -23.93 -37.21 -44.78
CA PRO B 44 -24.83 -38.28 -45.22
C PRO B 44 -24.24 -38.95 -46.45
N ARG B 45 -24.40 -40.28 -46.51
CA ARG B 45 -23.81 -41.04 -47.58
C ARG B 45 -24.68 -40.97 -48.82
N HIS B 46 -24.03 -40.85 -49.99
CA HIS B 46 -24.70 -40.80 -51.28
C HIS B 46 -25.91 -39.85 -51.35
N PRO B 47 -25.74 -38.59 -50.99
CA PRO B 47 -26.87 -37.66 -51.12
C PRO B 47 -27.25 -37.52 -52.59
N GLY B 48 -28.56 -37.37 -52.84
CA GLY B 48 -29.02 -37.24 -54.20
C GLY B 48 -28.58 -35.94 -54.86
N SER B 49 -28.43 -34.90 -54.06
CA SER B 49 -28.00 -33.58 -54.52
C SER B 49 -26.92 -33.08 -53.58
N PRO B 50 -26.07 -32.16 -54.05
CA PRO B 50 -25.05 -31.62 -53.15
C PRO B 50 -25.69 -30.88 -51.98
N ILE B 51 -25.15 -31.13 -50.80
CA ILE B 51 -25.63 -30.47 -49.60
C ILE B 51 -25.13 -29.03 -49.60
N LEU B 52 -26.06 -28.10 -49.43
CA LEU B 52 -25.71 -26.68 -49.37
C LEU B 52 -25.42 -26.21 -47.95
N GLY B 53 -25.84 -26.96 -46.95
CA GLY B 53 -25.65 -26.57 -45.58
C GLY B 53 -26.51 -27.43 -44.67
N TYR B 54 -26.50 -27.07 -43.39
CA TYR B 54 -27.24 -27.81 -42.36
C TYR B 54 -28.03 -26.84 -41.49
N THR B 55 -29.05 -27.38 -40.83
CA THR B 55 -29.91 -26.63 -39.92
C THR B 55 -29.94 -27.31 -38.57
N VAL B 56 -29.62 -26.56 -37.52
CA VAL B 56 -29.56 -27.07 -36.15
C VAL B 56 -30.75 -26.48 -35.39
N PHE B 57 -31.53 -27.37 -34.77
CA PHE B 57 -32.66 -26.96 -33.95
C PHE B 57 -32.37 -27.36 -32.50
N TYR B 58 -32.53 -26.42 -31.57
CA TYR B 58 -32.31 -26.75 -30.17
C TYR B 58 -33.27 -25.94 -29.30
N SER B 59 -33.70 -26.55 -28.19
CA SER B 59 -34.57 -25.90 -27.24
C SER B 59 -34.22 -26.38 -25.84
N GLU B 60 -34.55 -25.55 -24.86
CA GLU B 60 -34.29 -25.86 -23.46
C GLU B 60 -35.22 -26.97 -22.97
N VAL B 61 -34.74 -27.71 -21.97
CA VAL B 61 -35.49 -28.80 -21.34
C VAL B 61 -35.79 -29.89 -22.36
N LEU B 71 -44.03 -30.67 -22.25
CA LEU B 71 -43.30 -29.43 -22.01
C LEU B 71 -43.01 -28.72 -23.33
N HIS B 72 -43.94 -27.87 -23.77
CA HIS B 72 -43.79 -27.13 -25.02
C HIS B 72 -43.00 -25.85 -24.77
N SER B 73 -41.85 -25.71 -25.43
CA SER B 73 -41.06 -24.49 -25.37
C SER B 73 -40.57 -24.12 -26.77
N VAL B 74 -40.22 -22.86 -26.93
CA VAL B 74 -39.79 -22.31 -28.23
C VAL B 74 -38.39 -22.82 -28.57
N PRO B 75 -38.14 -23.29 -29.80
CA PRO B 75 -36.79 -23.77 -30.15
C PRO B 75 -36.03 -22.79 -31.03
N LEU B 76 -34.76 -22.57 -30.73
CA LEU B 76 -33.88 -21.77 -31.56
C LEU B 76 -33.34 -22.59 -32.73
N SER B 77 -32.90 -21.89 -33.77
CA SER B 77 -32.40 -22.53 -34.98
C SER B 77 -31.12 -21.84 -35.44
N ARG B 78 -30.11 -22.64 -35.78
CA ARG B 78 -28.83 -22.14 -36.27
C ARG B 78 -28.44 -22.93 -37.50
N ASP B 79 -28.13 -22.22 -38.59
CA ASP B 79 -27.86 -22.84 -39.88
C ASP B 79 -26.41 -22.59 -40.27
N ILE B 80 -25.74 -23.65 -40.73
CA ILE B 80 -24.29 -23.62 -40.91
C ILE B 80 -23.91 -24.36 -42.17
N PRO B 81 -22.77 -23.97 -42.79
CA PRO B 81 -22.30 -24.65 -44.00
C PRO B 81 -21.37 -25.84 -43.79
N THR B 82 -20.71 -25.94 -42.63
CA THR B 82 -19.65 -26.93 -42.42
C THR B 82 -20.16 -28.12 -41.61
N THR B 83 -19.27 -29.11 -41.41
CA THR B 83 -19.59 -30.39 -40.76
C THR B 83 -19.49 -30.37 -39.24
N GLU B 84 -19.30 -29.20 -38.62
CA GLU B 84 -19.19 -29.17 -37.16
C GLU B 84 -19.55 -27.77 -36.69
N GLU B 85 -19.99 -27.68 -35.43
CA GLU B 85 -20.50 -26.41 -34.93
C GLU B 85 -20.49 -26.42 -33.40
N VAL B 86 -20.31 -25.24 -32.83
CA VAL B 86 -20.44 -25.02 -31.40
C VAL B 86 -21.53 -23.97 -31.19
N ILE B 87 -22.44 -24.24 -30.26
CA ILE B 87 -23.56 -23.35 -29.99
C ILE B 87 -23.34 -22.72 -28.62
N GLY B 88 -23.11 -21.41 -28.59
CA GLY B 88 -22.69 -20.71 -27.40
C GLY B 88 -23.79 -19.87 -26.76
N ASP B 89 -23.37 -19.16 -25.69
CA ASP B 89 -24.24 -18.26 -24.91
C ASP B 89 -25.42 -19.01 -24.32
N LEU B 90 -25.16 -20.17 -23.75
CA LEU B 90 -26.21 -20.97 -23.14
C LEU B 90 -26.23 -20.76 -21.63
N LYS B 91 -27.32 -21.20 -21.04
CA LYS B 91 -27.51 -21.16 -19.61
C LYS B 91 -26.70 -22.28 -18.95
N PRO B 92 -26.13 -22.03 -17.78
CA PRO B 92 -25.32 -23.05 -17.12
C PRO B 92 -26.18 -24.16 -16.54
N GLY B 93 -25.64 -25.37 -16.56
CA GLY B 93 -26.33 -26.51 -15.96
C GLY B 93 -27.72 -26.74 -16.49
N THR B 94 -27.91 -26.63 -17.80
CA THR B 94 -29.23 -26.73 -18.41
C THR B 94 -29.23 -27.78 -19.51
N GLU B 95 -30.31 -28.55 -19.60
CA GLU B 95 -30.45 -29.58 -20.62
C GLU B 95 -31.11 -29.00 -21.86
N TYR B 96 -30.55 -29.34 -23.02
CA TYR B 96 -31.06 -28.86 -24.29
C TYR B 96 -31.35 -30.03 -25.21
N ARG B 97 -32.44 -29.92 -25.97
CA ARG B 97 -32.84 -30.90 -26.97
C ARG B 97 -32.44 -30.40 -28.35
N VAL B 98 -31.68 -31.22 -29.08
CA VAL B 98 -31.05 -30.80 -30.33
C VAL B 98 -31.44 -31.71 -31.49
N SER B 99 -31.67 -31.11 -32.66
CA SER B 99 -31.91 -31.83 -33.90
C SER B 99 -31.17 -31.14 -35.04
N ILE B 100 -30.88 -31.93 -36.10
CA ILE B 100 -30.18 -31.42 -37.27
C ILE B 100 -30.92 -31.84 -38.52
N ALA B 101 -30.97 -30.95 -39.50
CA ALA B 101 -31.48 -31.27 -40.83
C ALA B 101 -30.55 -30.68 -41.88
N ALA B 102 -30.37 -31.41 -42.99
CA ALA B 102 -29.57 -30.95 -44.11
C ALA B 102 -30.50 -30.35 -45.16
N TYR B 103 -30.09 -29.25 -45.77
CA TYR B 103 -30.86 -28.66 -46.87
C TYR B 103 -30.09 -28.69 -48.18
N SER B 104 -30.81 -29.02 -49.25
CA SER B 104 -30.29 -29.04 -50.60
C SER B 104 -31.30 -28.33 -51.49
N GLN B 105 -31.02 -28.32 -52.79
CA GLN B 105 -31.90 -27.64 -53.73
C GLN B 105 -33.27 -28.30 -53.83
N ALA B 106 -33.39 -29.58 -53.48
CA ALA B 106 -34.68 -30.26 -53.42
C ALA B 106 -35.29 -30.20 -52.03
N GLY B 107 -35.24 -29.03 -51.42
CA GLY B 107 -35.91 -28.78 -50.17
C GLY B 107 -35.10 -29.18 -48.95
N LYS B 108 -35.78 -29.15 -47.81
CA LYS B 108 -35.17 -29.55 -46.55
C LYS B 108 -35.19 -31.06 -46.38
N GLY B 109 -34.05 -31.61 -45.98
CA GLY B 109 -33.92 -33.04 -45.73
C GLY B 109 -34.53 -33.46 -44.41
N ARG B 110 -34.47 -34.76 -44.16
CA ARG B 110 -35.01 -35.31 -42.93
C ARG B 110 -34.22 -34.81 -41.72
N LEU B 111 -34.92 -34.63 -40.61
CA LEU B 111 -34.31 -34.16 -39.37
C LEU B 111 -33.94 -35.35 -38.50
N SER B 112 -32.71 -35.34 -37.98
CA SER B 112 -32.20 -36.43 -37.16
C SER B 112 -33.03 -36.62 -35.90
N SER B 113 -32.87 -37.79 -35.30
CA SER B 113 -33.53 -38.05 -34.03
C SER B 113 -32.98 -37.09 -32.96
N PRO B 114 -33.86 -36.52 -32.13
CA PRO B 114 -33.40 -35.51 -31.17
C PRO B 114 -32.48 -36.09 -30.11
N ARG B 115 -31.41 -35.36 -29.82
CA ARG B 115 -30.47 -35.70 -28.76
C ARG B 115 -30.47 -34.62 -27.70
N HIS B 116 -30.21 -35.02 -26.46
CA HIS B 116 -30.21 -34.10 -25.33
C HIS B 116 -28.77 -33.92 -24.84
N VAL B 117 -28.50 -32.73 -24.31
CA VAL B 117 -27.17 -32.37 -23.85
C VAL B 117 -27.29 -31.36 -22.71
N THR B 118 -26.42 -31.48 -21.71
CA THR B 118 -26.45 -30.64 -20.51
C THR B 118 -25.15 -29.85 -20.44
N THR B 119 -25.27 -28.52 -20.38
CA THR B 119 -24.10 -27.67 -20.19
C THR B 119 -23.48 -27.92 -18.81
N LEU B 120 -22.18 -27.65 -18.72
CA LEU B 120 -21.44 -27.86 -17.48
C LEU B 120 -22.01 -27.00 -16.35
N SER B 121 -21.86 -27.48 -15.13
CA SER B 121 -22.35 -26.75 -13.96
C SER B 121 -21.70 -25.38 -13.83
N GLN B 122 -22.46 -24.44 -13.25
CA GLN B 122 -21.97 -23.07 -13.06
C GLN B 122 -20.71 -23.04 -12.21
N ASP B 123 -20.64 -23.92 -11.22
CA ASP B 123 -19.46 -24.04 -10.37
C ASP B 123 -18.19 -24.39 -11.15
N SER B 124 -18.31 -24.86 -12.40
CA SER B 124 -17.17 -25.34 -13.14
C SER B 124 -16.50 -24.29 -14.03
N CYS B 125 -17.14 -23.14 -14.25
CA CYS B 125 -16.57 -22.07 -15.04
C CYS B 125 -16.30 -20.83 -14.20
N LEU B 126 -15.98 -21.02 -12.92
CA LEU B 126 -15.78 -19.89 -12.01
C LEU B 126 -14.54 -19.09 -12.37
N PRO B 127 -14.64 -17.77 -12.48
CA PRO B 127 -13.44 -16.93 -12.62
C PRO B 127 -12.77 -16.75 -11.27
N PRO B 128 -11.54 -16.23 -11.23
CA PRO B 128 -10.85 -16.09 -9.94
C PRO B 128 -11.59 -15.14 -9.02
N ALA B 129 -11.30 -15.24 -7.72
CA ALA B 129 -11.79 -14.27 -6.76
C ALA B 129 -11.22 -12.90 -7.05
N ALA B 130 -11.93 -11.87 -6.62
CA ALA B 130 -11.47 -10.50 -6.81
C ALA B 130 -10.11 -10.29 -6.14
N PRO B 131 -9.16 -9.65 -6.82
CA PRO B 131 -7.90 -9.29 -6.16
C PRO B 131 -8.14 -8.39 -4.95
N GLN B 132 -7.17 -8.39 -4.04
CA GLN B 132 -7.23 -7.52 -2.87
C GLN B 132 -7.22 -6.07 -3.30
N GLN B 133 -7.84 -5.21 -2.48
CA GLN B 133 -7.89 -3.79 -2.77
C GLN B 133 -6.49 -3.26 -3.08
N PRO B 134 -6.31 -2.53 -4.16
CA PRO B 134 -4.97 -2.11 -4.57
C PRO B 134 -4.42 -0.98 -3.71
N HIS B 135 -3.12 -1.02 -3.49
CA HIS B 135 -2.41 0.04 -2.80
C HIS B 135 -1.95 1.05 -3.84
N VAL B 136 -1.95 2.33 -3.47
CA VAL B 136 -1.72 3.41 -4.42
C VAL B 136 -0.78 4.44 -3.80
N ILE B 137 0.22 4.86 -4.58
CA ILE B 137 1.17 5.88 -4.17
C ILE B 137 1.36 6.82 -5.33
N VAL B 138 1.18 8.12 -5.09
CA VAL B 138 1.38 9.11 -6.15
C VAL B 138 2.86 9.17 -6.51
N VAL B 139 3.15 9.35 -7.79
CA VAL B 139 4.52 9.43 -8.28
C VAL B 139 4.83 10.81 -8.86
N SER B 140 3.87 11.44 -9.52
CA SER B 140 4.12 12.71 -10.17
C SER B 140 2.77 13.36 -10.48
N ASP B 141 2.83 14.48 -11.21
CA ASP B 141 1.60 15.13 -11.66
C ASP B 141 0.82 14.28 -12.64
N SER B 142 1.48 13.39 -13.39
CA SER B 142 0.81 12.57 -14.40
C SER B 142 0.95 11.07 -14.15
N GLU B 143 1.45 10.65 -12.99
CA GLU B 143 1.78 9.25 -12.76
C GLU B 143 1.36 8.81 -11.37
N VAL B 144 1.10 7.51 -11.24
CA VAL B 144 0.71 6.88 -9.98
C VAL B 144 1.25 5.46 -9.97
N ALA B 145 1.78 5.03 -8.83
CA ALA B 145 2.19 3.65 -8.64
C ALA B 145 1.12 2.91 -7.85
N LEU B 146 0.91 1.64 -8.18
CA LEU B 146 -0.16 0.89 -7.55
C LEU B 146 0.19 -0.60 -7.57
N SER B 147 -0.28 -1.30 -6.54
CA SER B 147 0.08 -2.70 -6.32
C SER B 147 -1.09 -3.43 -5.69
N TRP B 148 -1.16 -4.74 -5.91
CA TRP B 148 -2.28 -5.55 -5.47
C TRP B 148 -1.78 -6.96 -5.19
N LYS B 149 -2.59 -7.73 -4.48
CA LYS B 149 -2.38 -9.14 -4.25
C LYS B 149 -3.57 -9.93 -4.80
N PRO B 150 -3.38 -11.20 -5.15
CA PRO B 150 -4.51 -12.00 -5.65
C PRO B 150 -5.52 -12.29 -4.55
N GLY B 151 -6.67 -12.84 -4.95
CA GLY B 151 -7.72 -13.19 -4.01
C GLY B 151 -7.52 -14.58 -3.44
N ALA B 152 -8.46 -14.98 -2.58
CA ALA B 152 -8.34 -16.26 -1.89
C ALA B 152 -8.42 -17.46 -2.83
N SER B 153 -9.03 -17.29 -4.00
CA SER B 153 -9.21 -18.38 -4.94
C SER B 153 -8.86 -17.92 -6.34
N GLU B 154 -8.27 -18.81 -7.11
CA GLU B 154 -8.07 -18.59 -8.53
C GLU B 154 -9.28 -19.00 -9.37
N GLY B 155 -10.35 -19.48 -8.73
CA GLY B 155 -11.48 -20.00 -9.47
C GLY B 155 -11.26 -21.43 -9.90
N SER B 156 -11.75 -21.79 -11.08
CA SER B 156 -11.62 -23.14 -11.62
C SER B 156 -10.41 -23.28 -12.55
N ALA B 157 -9.66 -22.21 -12.76
CA ALA B 157 -8.50 -22.23 -13.65
C ALA B 157 -7.51 -21.17 -13.19
N PRO B 158 -6.22 -21.42 -13.33
CA PRO B 158 -5.22 -20.51 -12.77
C PRO B 158 -5.18 -19.16 -13.46
N ILE B 159 -4.79 -18.14 -12.71
CA ILE B 159 -4.72 -16.78 -13.23
C ILE B 159 -3.78 -16.72 -14.43
N GLN B 160 -4.21 -15.99 -15.46
CA GLN B 160 -3.40 -15.76 -16.65
C GLN B 160 -2.78 -14.37 -16.67
N TYR B 161 -3.50 -13.35 -16.23
CA TYR B 161 -2.99 -11.98 -16.20
C TYR B 161 -3.92 -11.13 -15.35
N TYR B 162 -3.48 -9.90 -15.09
CA TYR B 162 -4.29 -8.91 -14.40
C TYR B 162 -4.61 -7.77 -15.35
N SER B 163 -5.74 -7.11 -15.09
CA SER B 163 -6.12 -5.90 -15.81
C SER B 163 -6.43 -4.83 -14.77
N VAL B 164 -6.31 -3.57 -15.19
CA VAL B 164 -6.39 -2.43 -14.29
C VAL B 164 -7.38 -1.42 -14.84
N GLU B 165 -8.26 -0.92 -13.98
CA GLU B 165 -9.17 0.16 -14.32
C GLU B 165 -8.93 1.33 -13.37
N PHE B 166 -9.29 2.52 -13.84
CA PHE B 166 -9.21 3.73 -13.03
C PHE B 166 -10.46 4.55 -13.29
N ILE B 167 -10.70 5.51 -12.39
CA ILE B 167 -11.86 6.38 -12.51
C ILE B 167 -11.56 7.69 -11.78
N ARG B 168 -12.03 8.79 -12.36
CA ARG B 168 -11.99 10.07 -11.69
C ARG B 168 -13.33 10.27 -11.02
N PRO B 169 -13.45 10.09 -9.70
CA PRO B 169 -14.76 10.19 -9.06
C PRO B 169 -15.38 11.57 -9.19
N ASP B 170 -14.57 12.60 -9.40
CA ASP B 170 -15.10 13.95 -9.55
C ASP B 170 -15.83 14.12 -10.87
N PHE B 171 -15.34 13.48 -11.93
CA PHE B 171 -15.91 13.70 -13.25
C PHE B 171 -16.49 12.45 -13.91
N ASP B 172 -15.86 11.29 -13.76
CA ASP B 172 -16.26 10.12 -14.53
C ASP B 172 -17.41 9.37 -13.88
N LYS B 173 -18.37 8.96 -14.70
CA LYS B 173 -19.49 8.13 -14.26
C LYS B 173 -19.23 6.64 -14.42
N LYS B 174 -18.16 6.24 -15.11
CA LYS B 174 -17.82 4.84 -15.31
C LYS B 174 -16.31 4.67 -15.27
N TRP B 175 -15.88 3.44 -15.03
CA TRP B 175 -14.46 3.12 -15.01
C TRP B 175 -13.87 3.13 -16.41
N THR B 176 -12.56 3.39 -16.48
CA THR B 176 -11.79 3.37 -17.70
C THR B 176 -10.76 2.25 -17.62
N SER B 177 -10.69 1.43 -18.66
CA SER B 177 -9.77 0.30 -18.69
C SER B 177 -8.42 0.73 -19.27
N ILE B 178 -7.37 0.10 -18.76
CA ILE B 178 -6.02 0.26 -19.29
C ILE B 178 -5.73 -0.96 -20.16
N HIS B 179 -5.52 -0.74 -21.44
CA HIS B 179 -5.57 -1.83 -22.41
C HIS B 179 -4.26 -2.59 -22.50
N GLU B 180 -3.69 -2.97 -21.36
CA GLU B 180 -2.58 -3.90 -21.33
C GLU B 180 -2.82 -4.93 -20.24
N ARG B 181 -2.21 -6.10 -20.42
CA ARG B 181 -2.37 -7.21 -19.48
C ARG B 181 -1.05 -7.43 -18.77
N ILE B 182 -1.08 -7.54 -17.43
CA ILE B 182 0.15 -7.63 -16.65
C ILE B 182 0.11 -8.88 -15.78
N GLN B 183 1.24 -9.59 -15.73
CA GLN B 183 1.43 -10.69 -14.79
C GLN B 183 2.11 -10.26 -13.49
N MET B 184 2.62 -9.04 -13.39
CA MET B 184 3.14 -8.60 -12.11
C MET B 184 2.03 -8.06 -11.22
N ASP B 185 2.34 -7.93 -9.92
CA ASP B 185 1.40 -7.42 -8.95
C ASP B 185 1.49 -5.91 -8.76
N SER B 186 2.14 -5.20 -9.66
CA SER B 186 2.24 -3.75 -9.52
C SER B 186 2.45 -3.12 -10.88
N MET B 187 2.23 -1.81 -10.94
CA MET B 187 2.25 -1.09 -12.20
C MET B 187 2.36 0.40 -11.92
N VAL B 188 2.86 1.14 -12.91
CA VAL B 188 2.88 2.60 -12.89
C VAL B 188 2.05 3.10 -14.07
N ILE B 189 1.10 3.97 -13.79
CA ILE B 189 0.16 4.49 -14.78
C ILE B 189 0.58 5.89 -15.18
N LYS B 190 0.66 6.14 -16.49
CA LYS B 190 1.10 7.41 -17.04
C LYS B 190 -0.09 8.18 -17.60
N GLY B 191 0.18 9.41 -18.04
CA GLY B 191 -0.78 10.20 -18.78
C GLY B 191 -1.99 10.68 -18.02
N LEU B 192 -1.98 10.60 -16.68
CA LEU B 192 -3.14 11.04 -15.91
C LEU B 192 -3.24 12.56 -15.89
N ASP B 193 -4.40 13.07 -15.44
CA ASP B 193 -4.58 14.51 -15.33
C ASP B 193 -3.94 15.04 -14.06
N PRO B 194 -3.31 16.21 -14.11
CA PRO B 194 -2.72 16.78 -12.90
C PRO B 194 -3.79 17.29 -11.94
N ASP B 195 -3.47 17.21 -10.65
CA ASP B 195 -4.30 17.76 -9.57
C ASP B 195 -5.73 17.20 -9.62
N THR B 196 -5.84 15.92 -9.97
CA THR B 196 -7.12 15.27 -10.14
C THR B 196 -7.20 14.05 -9.23
N ASN B 197 -8.36 13.88 -8.59
CA ASN B 197 -8.61 12.70 -7.78
C ASN B 197 -8.87 11.48 -8.66
N TYR B 198 -8.34 10.34 -8.24
CA TYR B 198 -8.45 9.10 -8.97
C TYR B 198 -8.76 7.96 -8.01
N GLN B 199 -9.32 6.89 -8.55
CA GLN B 199 -9.48 5.64 -7.84
C GLN B 199 -9.13 4.51 -8.80
N PHE B 200 -8.72 3.37 -8.25
CA PHE B 200 -8.21 2.28 -9.06
C PHE B 200 -8.75 0.95 -8.56
N ALA B 201 -8.92 0.02 -9.50
CA ALA B 201 -9.39 -1.33 -9.21
C ALA B 201 -8.73 -2.29 -10.18
N VAL B 202 -8.62 -3.54 -9.76
CA VAL B 202 -7.87 -4.56 -10.48
C VAL B 202 -8.74 -5.79 -10.60
N ARG B 203 -8.60 -6.50 -11.74
CA ARG B 203 -9.28 -7.78 -11.92
C ARG B 203 -8.29 -8.82 -12.39
N ALA B 204 -8.56 -10.07 -12.04
CA ALA B 204 -7.75 -11.20 -12.47
C ALA B 204 -8.52 -12.05 -13.47
N MET B 205 -7.83 -12.56 -14.48
CA MET B 205 -8.48 -13.33 -15.54
C MET B 205 -7.94 -14.75 -15.57
N ASN B 206 -8.84 -15.70 -15.81
CA ASN B 206 -8.45 -17.04 -16.20
C ASN B 206 -9.18 -17.43 -17.49
N SER B 207 -9.03 -18.67 -17.93
CA SER B 207 -9.73 -19.11 -19.13
C SER B 207 -11.24 -19.06 -19.00
N HIS B 208 -11.76 -18.95 -17.78
CA HIS B 208 -13.20 -18.89 -17.54
C HIS B 208 -13.72 -17.47 -17.44
N GLY B 209 -12.85 -16.47 -17.54
CA GLY B 209 -13.27 -15.09 -17.65
C GLY B 209 -12.80 -14.21 -16.51
N PRO B 210 -13.23 -12.95 -16.53
CA PRO B 210 -12.73 -11.97 -15.57
C PRO B 210 -13.36 -12.15 -14.20
N SER B 211 -12.54 -11.89 -13.19
CA SER B 211 -13.00 -11.83 -11.82
C SER B 211 -13.86 -10.60 -11.63
N PRO B 212 -14.60 -10.50 -10.53
CA PRO B 212 -15.11 -9.19 -10.12
C PRO B 212 -13.96 -8.24 -9.86
N ARG B 213 -14.25 -6.95 -9.88
CA ARG B 213 -13.27 -5.94 -9.53
C ARG B 213 -12.87 -6.04 -8.06
N SER B 214 -11.60 -5.75 -7.79
CA SER B 214 -11.19 -5.42 -6.44
C SER B 214 -11.98 -4.21 -5.94
N TRP B 215 -12.02 -4.05 -4.64
CA TRP B 215 -12.52 -2.82 -4.05
C TRP B 215 -11.79 -1.64 -4.65
N PRO B 216 -12.44 -0.49 -4.85
CA PRO B 216 -11.71 0.67 -5.35
C PRO B 216 -10.66 1.09 -4.35
N SER B 217 -9.53 1.53 -4.87
CA SER B 217 -8.48 2.08 -4.02
C SER B 217 -8.97 3.36 -3.35
N ASP B 218 -8.24 3.77 -2.32
CA ASP B 218 -8.54 5.04 -1.67
C ASP B 218 -8.32 6.17 -2.67
N ILE B 219 -9.02 7.28 -2.45
CA ILE B 219 -8.86 8.44 -3.31
C ILE B 219 -7.43 8.92 -3.25
N ILE B 220 -6.88 9.27 -4.41
CA ILE B 220 -5.51 9.75 -4.52
C ILE B 220 -5.53 10.87 -5.55
N ARG B 221 -4.77 11.92 -5.27
CA ARG B 221 -4.72 13.09 -6.15
C ARG B 221 -3.34 13.16 -6.78
N THR B 222 -3.30 13.43 -8.08
CA THR B 222 -2.03 13.67 -8.73
C THR B 222 -1.45 15.01 -8.27
N LEU B 223 -0.12 15.11 -8.32
CA LEU B 223 0.53 16.37 -7.96
C LEU B 223 0.15 17.47 -8.93
N ALA B 224 0.19 18.71 -8.45
CA ALA B 224 -0.11 19.82 -9.34
C ALA B 224 0.98 19.99 -10.37
N ALA B 225 0.59 20.47 -11.55
CA ALA B 225 1.54 20.66 -12.65
C ALA B 225 2.50 21.81 -12.38
C1 NAG C . 17.39 17.15 26.68
C2 NAG C . 17.59 16.85 25.21
C3 NAG C . 19.06 16.92 24.85
C4 NAG C . 19.61 18.29 25.22
C5 NAG C . 19.26 18.66 26.68
C6 NAG C . 19.56 20.10 27.01
C7 NAG C . 17.27 14.38 25.40
C8 NAG C . 16.53 13.21 24.83
N2 NAG C . 17.00 15.56 24.82
O3 NAG C . 19.24 16.68 23.46
O4 NAG C . 21.01 18.34 25.03
O5 NAG C . 17.87 18.46 26.96
O6 NAG C . 18.71 20.99 26.28
O7 NAG C . 18.07 14.26 26.32
C1 NAG C . 21.41 19.39 24.14
C2 NAG C . 22.89 19.70 24.42
C3 NAG C . 23.40 20.80 23.48
C4 NAG C . 23.08 20.47 22.03
C5 NAG C . 21.60 20.16 21.88
C6 NAG C . 21.20 19.75 20.48
C7 NAG C . 23.49 19.27 26.76
C8 NAG C . 23.81 17.87 26.33
N2 NAG C . 23.07 20.10 25.81
O3 NAG C . 24.80 20.95 23.66
O4 NAG C . 23.45 21.55 21.18
O5 NAG C . 21.23 19.09 22.76
O6 NAG C . 21.85 18.54 20.11
O7 NAG C . 23.63 19.64 27.93
C1 BMA C . 24.57 21.18 20.35
C2 BMA C . 24.49 21.88 18.99
C3 BMA C . 25.51 21.25 18.02
C4 BMA C . 26.74 20.57 18.75
C5 BMA C . 27.04 21.20 20.16
C6 BMA C . 27.79 22.56 20.13
O2 BMA C . 24.76 23.28 19.11
O3 BMA C . 25.94 22.20 17.04
O4 BMA C . 26.56 19.16 18.90
O5 BMA C . 25.83 21.34 20.99
O6 BMA C . 27.92 23.06 21.46
C1 NAG D . -17.16 -21.88 -23.68
C2 NAG D . -16.61 -20.49 -23.46
C3 NAG D . -16.92 -19.61 -24.66
C4 NAG D . -16.40 -20.25 -25.94
C5 NAG D . -16.82 -21.71 -26.06
C6 NAG D . -16.08 -22.46 -27.15
C7 NAG D . -16.50 -19.87 -21.08
C8 NAG D . -15.13 -20.48 -21.07
N2 NAG D . -17.16 -19.91 -22.25
O3 NAG D . -16.32 -18.34 -24.47
O4 NAG D . -17.00 -19.55 -27.04
O5 NAG D . -16.58 -22.44 -24.85
O6 NAG D . -14.83 -22.93 -26.67
O7 NAG D . -17.00 -19.38 -20.07
C1 NAG D . -16.10 -19.02 -28.04
C2 NAG D . -16.99 -18.27 -29.03
C3 NAG D . -16.14 -17.58 -30.10
C4 NAG D . -15.01 -16.75 -29.49
C5 NAG D . -14.23 -17.62 -28.50
C6 NAG D . -13.16 -16.86 -27.76
C7 NAG D . -19.26 -19.19 -29.36
C8 NAG D . -20.07 -20.19 -30.11
N2 NAG D . -17.94 -19.17 -29.65
O3 NAG D . -16.97 -16.75 -30.91
O4 NAG D . -14.14 -16.32 -30.52
O5 NAG D . -15.12 -18.14 -27.51
O6 NAG D . -12.23 -17.75 -27.15
O7 NAG D . -19.75 -18.42 -28.55
C1 BMA D . -13.75 -14.91 -30.53
C2 BMA D . -14.07 -14.25 -31.91
C3 BMA D . -15.13 -13.14 -31.76
C4 BMA D . -14.77 -12.09 -30.68
C5 BMA D . -13.84 -12.70 -29.59
C6 BMA D . -13.93 -11.97 -28.25
O2 BMA D . -14.60 -15.19 -32.84
O3 BMA D . -16.41 -13.68 -31.50
O4 BMA D . -14.15 -10.95 -31.30
O5 BMA D . -14.16 -14.11 -29.42
O6 BMA D . -13.50 -10.63 -28.45
CL CL E . -30.75 -38.15 -25.91
CL CL F . -10.99 -7.08 -2.61
CL CL G . -16.73 4.88 -7.12
CL CL H . -9.61 17.30 -14.54
CL CL I . -12.81 1.87 -21.36
#